data_7W80
#
_entry.id   7W80
#
_cell.length_a   49.192
_cell.length_b   98.187
_cell.length_c   77.739
_cell.angle_alpha   90.000
_cell.angle_beta   107.160
_cell.angle_gamma   90.000
#
_symmetry.space_group_name_H-M   'P 1 21 1'
#
loop_
_entity.id
_entity.type
_entity.pdbx_description
1 polymer 'Aryl hydrocarbon receptor nuclear translocator'
2 polymer 'Endothelial PAS domain-containing protein 1'
3 non-polymer 3-{[(1S,2S,3R)-2,3-difluoro-1-hydroxy-7-(methylsulfonyl)-2,3-dihydro-1H-inden-4-yl]oxy}-5-fluorobenzonitrile
4 water water
#
loop_
_entity_poly.entity_id
_entity_poly.type
_entity_poly.pdbx_seq_one_letter_code
_entity_poly.pdbx_strand_id
1 'polypeptide(L)'
;MSSADKERLARENHSEIERRRRNKMTAYITELSDMVPTCSALARKPDKLTILRMAVSHMKSLRGTGNTSTDGSYKPSFLT
DQELKHLILEAADGFLFIVSCETGRVVYVSDSVTPVLNQPQSEWFGSTLYDQVHPDDVDKLREQLSTSENALTGRVLDLK
TGTVKKEGQQSSMRMCMGSRRSFICRMRCGTSSVDPVSMNRLSFLRNRCRNGLGSVKEGEPHFVVVHCTGYIKAWPPAGV
SLPDDDPEAGQGSKFCLVAIGRLQVTSSPNCTDMSNICQPTEFISRHNIEGIFTFVDHRCVATVGYQPQELLGKNIVEFC
HPEDQQLLRDSFQQVVKLKGQVLSVMFRFRSKTREWLWMRTSSFTFQNPYSDEIEYIICTNTNV
;
A
2 'polypeptide(L)'
;MADKEKKRSSSELRKEKSRDAARCRRSKETEVFYELAHELPLPHSVSSHLDKASIMRLAISFLRTHKLLSSVCSENESEA
EADQQMDNLYLKALEGFIAVVTQDGDMIFLSENISKFMGLTQVELTGHSIFDFTHPCDHEEIRENLTLKNGSGFGKKSKD
VSTERDFFMRMKCTVTNRGRTVNLKSATWKVLHCTGQVRVYNNCPPHSSLCGSKEPLLSCLIIMCEPIQHPSHMDIPLDS
KTFLSRHSMDMKFTYCDDRILELIGYHPEELLGRSAYEFYHALDSENMTKSHQNLCTKGQVVSGQYRMLAKHGGYVWLET
QGTVIYNPRNLQPQCIMCVNYVLSEIEKNDVVFSMDQTES
;
B
#
loop_
_chem_comp.id
_chem_comp.type
_chem_comp.name
_chem_comp.formula
72Q non-polymer 3-{[(1S,2S,3R)-2,3-difluoro-1-hydroxy-7-(methylsulfonyl)-2,3-dihydro-1H-inden-4-yl]oxy}-5-fluorobenzonitrile 'C17 H12 F3 N O4 S'
#
# COMPACT_ATOMS: atom_id res chain seq x y z
N ARG A 21 32.75 -4.39 -25.42
CA ARG A 21 31.32 -4.76 -25.44
C ARG A 21 31.21 -6.26 -25.54
N ARG A 22 32.30 -6.96 -25.88
CA ARG A 22 32.26 -8.44 -26.01
C ARG A 22 32.27 -9.08 -24.63
N ASN A 23 32.72 -8.32 -23.62
CA ASN A 23 32.74 -8.73 -22.19
C ASN A 23 31.35 -9.29 -21.82
N LYS A 24 30.30 -8.52 -22.10
CA LYS A 24 28.90 -8.84 -21.77
C LYS A 24 28.59 -10.30 -22.09
N MET A 25 28.86 -10.72 -23.33
CA MET A 25 28.55 -12.12 -23.71
C MET A 25 29.51 -13.07 -23.00
N THR A 26 30.73 -12.64 -22.73
CA THR A 26 31.72 -13.50 -22.06
C THR A 26 31.34 -13.66 -20.60
N ALA A 27 31.08 -12.54 -19.93
CA ALA A 27 30.66 -12.61 -18.51
C ALA A 27 29.40 -13.46 -18.45
N TYR A 28 28.53 -13.29 -19.44
CA TYR A 28 27.31 -14.09 -19.43
C TYR A 28 27.64 -15.58 -19.30
N ILE A 29 28.63 -16.04 -20.06
CA ILE A 29 28.89 -17.48 -20.08
C ILE A 29 29.62 -17.91 -18.81
N THR A 30 30.55 -17.09 -18.31
CA THR A 30 31.14 -17.41 -17.01
C THR A 30 30.11 -17.33 -15.89
N GLU A 31 29.14 -16.42 -16.01
CA GLU A 31 28.06 -16.34 -15.02
C GLU A 31 27.17 -17.58 -15.08
N LEU A 32 26.82 -18.00 -16.30
CA LEU A 32 26.06 -19.21 -16.52
C LEU A 32 26.76 -20.39 -15.87
N SER A 33 28.05 -20.56 -16.16
CA SER A 33 28.81 -21.67 -15.58
C SER A 33 28.90 -21.53 -14.06
N ASP A 34 29.05 -20.30 -13.57
CA ASP A 34 29.13 -20.07 -12.13
C ASP A 34 27.81 -20.32 -11.43
N MET A 35 26.74 -20.50 -12.19
CA MET A 35 25.40 -20.70 -11.59
C MET A 35 25.12 -22.19 -11.42
N VAL A 36 26.00 -23.05 -11.90
CA VAL A 36 25.71 -24.50 -11.80
C VAL A 36 26.94 -25.24 -11.28
N PRO A 37 26.81 -26.10 -10.25
CA PRO A 37 27.92 -26.90 -9.71
C PRO A 37 28.54 -27.93 -10.65
N THR A 38 27.82 -28.32 -11.72
CA THR A 38 28.23 -29.28 -12.79
C THR A 38 28.88 -28.53 -13.95
N CYS A 39 29.17 -27.25 -13.70
CA CYS A 39 29.91 -26.42 -14.69
C CYS A 39 31.09 -25.93 -13.88
N SER A 40 31.05 -26.20 -12.59
CA SER A 40 32.23 -25.94 -11.74
C SER A 40 32.80 -27.34 -11.53
N ALA A 41 32.25 -28.32 -12.25
CA ALA A 41 32.69 -29.72 -12.09
C ALA A 41 33.62 -30.10 -13.24
N LEU A 42 34.35 -29.13 -13.75
CA LEU A 42 35.26 -29.38 -14.89
C LEU A 42 36.52 -28.54 -14.65
N ALA A 43 37.61 -28.87 -15.32
CA ALA A 43 38.83 -28.05 -15.19
C ALA A 43 38.52 -26.66 -15.72
N ARG A 44 37.81 -26.62 -16.84
CA ARG A 44 37.58 -25.30 -17.48
C ARG A 44 36.36 -25.33 -18.39
N LYS A 45 35.95 -24.16 -18.81
CA LYS A 45 34.75 -24.05 -19.67
C LYS A 45 34.98 -24.83 -20.93
N PRO A 46 33.96 -25.57 -21.39
CA PRO A 46 34.06 -26.28 -22.64
C PRO A 46 33.93 -25.24 -23.75
N ASP A 47 34.03 -25.68 -25.02
CA ASP A 47 33.82 -24.78 -26.18
C ASP A 47 32.58 -23.92 -25.97
N LYS A 48 32.61 -22.70 -26.49
CA LYS A 48 31.44 -21.79 -26.28
C LYS A 48 30.17 -22.44 -26.86
N LEU A 49 30.27 -23.03 -28.05
CA LEU A 49 29.11 -23.75 -28.63
C LEU A 49 28.75 -24.94 -27.73
N THR A 50 29.77 -25.66 -27.25
CA THR A 50 29.54 -26.83 -26.36
C THR A 50 28.90 -26.34 -25.05
N ILE A 51 29.31 -25.17 -24.55
CA ILE A 51 28.76 -24.63 -23.26
C ILE A 51 27.26 -24.40 -23.45
N LEU A 52 26.85 -23.86 -24.60
CA LEU A 52 25.41 -23.62 -24.86
C LEU A 52 24.67 -24.97 -24.87
N ARG A 53 25.23 -25.99 -25.53
CA ARG A 53 24.60 -27.33 -25.55
C ARG A 53 24.61 -27.91 -24.13
N MET A 54 25.71 -27.73 -23.40
CA MET A 54 25.82 -28.27 -22.02
C MET A 54 24.67 -27.72 -21.17
N ALA A 55 24.43 -26.41 -21.26
CA ALA A 55 23.38 -25.80 -20.41
C ALA A 55 22.01 -26.26 -20.89
N VAL A 56 21.82 -26.47 -22.20
CA VAL A 56 20.45 -26.81 -22.68
C VAL A 56 19.99 -28.06 -21.94
N SER A 57 20.91 -28.99 -21.68
CA SER A 57 20.55 -30.23 -20.95
C SER A 57 20.06 -29.87 -19.53
N HIS A 58 20.81 -29.01 -18.82
CA HIS A 58 20.44 -28.64 -17.43
C HIS A 58 19.11 -27.88 -17.40
N MET A 59 18.89 -26.95 -18.34
CA MET A 59 17.65 -26.12 -18.32
C MET A 59 16.43 -27.04 -18.52
N LYS A 60 16.50 -27.96 -19.48
CA LYS A 60 15.39 -28.92 -19.73
C LYS A 60 15.23 -29.87 -18.53
N SER A 61 16.34 -30.29 -17.93
CA SER A 61 16.30 -31.28 -16.82
C SER A 61 15.14 -31.07 -15.84
N LEU A 62 14.86 -29.83 -15.43
CA LEU A 62 13.81 -29.66 -14.39
C LEU A 62 12.65 -28.87 -14.98
N PHE A 78 9.54 -19.89 -14.79
CA PHE A 78 9.29 -20.82 -13.69
C PHE A 78 7.80 -21.00 -13.46
N LEU A 79 7.15 -21.76 -14.35
CA LEU A 79 5.69 -21.82 -14.41
C LEU A 79 5.06 -22.60 -13.27
N THR A 80 5.82 -23.13 -12.31
CA THR A 80 5.27 -24.05 -11.34
C THR A 80 4.28 -23.34 -10.41
N ASP A 81 3.06 -23.89 -10.36
CA ASP A 81 2.05 -23.45 -9.40
C ASP A 81 2.64 -23.20 -8.01
N GLN A 82 3.27 -24.23 -7.44
CA GLN A 82 3.67 -24.19 -6.04
C GLN A 82 4.69 -23.10 -5.77
N GLU A 83 5.49 -22.74 -6.78
CA GLU A 83 6.51 -21.70 -6.59
C GLU A 83 5.87 -20.31 -6.53
N LEU A 84 4.96 -20.02 -7.46
CA LEU A 84 4.35 -18.70 -7.51
C LEU A 84 3.42 -18.47 -6.32
N LYS A 85 2.75 -19.51 -5.82
CA LYS A 85 1.95 -19.32 -4.62
C LYS A 85 2.82 -18.80 -3.47
N HIS A 86 3.99 -19.40 -3.29
CA HIS A 86 4.87 -18.96 -2.20
C HIS A 86 5.50 -17.61 -2.49
N LEU A 87 5.77 -17.31 -3.77
CA LEU A 87 6.23 -15.97 -4.10
C LEU A 87 5.22 -14.92 -3.67
N ILE A 88 3.92 -15.20 -3.90
CA ILE A 88 2.88 -14.24 -3.55
C ILE A 88 2.71 -14.15 -2.03
N LEU A 89 2.80 -15.29 -1.33
CA LEU A 89 2.71 -15.22 0.13
C LEU A 89 3.90 -14.49 0.73
N GLU A 90 5.10 -14.74 0.18
CA GLU A 90 6.28 -13.96 0.50
C GLU A 90 6.02 -12.46 0.35
N ALA A 91 5.64 -12.06 -0.86
CA ALA A 91 5.58 -10.64 -1.21
C ALA A 91 4.49 -9.92 -0.44
N ALA A 92 3.24 -10.40 -0.55
CA ALA A 92 2.11 -9.66 -0.04
C ALA A 92 1.47 -10.28 1.19
N ASP A 93 1.88 -11.48 1.59
CA ASP A 93 1.24 -12.23 2.67
C ASP A 93 -0.25 -12.42 2.37
N GLY A 94 -0.51 -13.03 1.21
CA GLY A 94 -1.87 -13.22 0.75
C GLY A 94 -2.09 -14.63 0.24
N PHE A 95 -3.36 -15.02 0.22
CA PHE A 95 -3.79 -16.34 -0.20
C PHE A 95 -4.84 -16.22 -1.31
N LEU A 96 -5.05 -17.32 -2.03
CA LEU A 96 -6.03 -17.37 -3.11
C LEU A 96 -7.25 -18.17 -2.69
N PHE A 97 -8.42 -17.73 -3.13
CA PHE A 97 -9.66 -18.41 -2.81
C PHE A 97 -10.70 -18.13 -3.89
N ILE A 98 -11.59 -19.10 -4.07
CA ILE A 98 -12.67 -19.03 -5.05
C ILE A 98 -13.97 -19.30 -4.29
N VAL A 99 -14.91 -18.37 -4.40
CA VAL A 99 -16.23 -18.48 -3.77
C VAL A 99 -17.31 -18.37 -4.84
N SER A 100 -18.48 -18.91 -4.55
CA SER A 100 -19.61 -18.81 -5.52
C SER A 100 -20.22 -17.41 -5.43
N CYS A 101 -20.51 -16.77 -6.56
CA CYS A 101 -21.16 -15.45 -6.50
C CYS A 101 -22.56 -15.58 -5.89
N GLU A 102 -23.31 -16.61 -6.27
CA GLU A 102 -24.71 -16.77 -5.81
C GLU A 102 -24.79 -17.01 -4.29
N THR A 103 -23.93 -17.81 -3.70
CA THR A 103 -24.08 -18.13 -2.26
C THR A 103 -22.88 -17.64 -1.46
N GLY A 104 -21.72 -17.51 -2.09
CA GLY A 104 -20.50 -17.13 -1.36
C GLY A 104 -19.76 -18.32 -0.83
N ARG A 105 -20.18 -19.53 -1.19
CA ARG A 105 -19.55 -20.74 -0.64
C ARG A 105 -18.13 -20.82 -1.19
N VAL A 106 -17.19 -21.20 -0.34
CA VAL A 106 -15.78 -21.27 -0.78
C VAL A 106 -15.61 -22.62 -1.46
N VAL A 107 -15.65 -22.60 -2.78
CA VAL A 107 -15.45 -23.85 -3.55
C VAL A 107 -14.01 -24.29 -3.32
N TYR A 108 -13.08 -23.34 -3.29
CA TYR A 108 -11.65 -23.66 -3.01
C TYR A 108 -10.98 -22.58 -2.19
N VAL A 109 -10.05 -22.99 -1.34
CA VAL A 109 -9.20 -22.02 -0.60
C VAL A 109 -7.81 -22.64 -0.61
N SER A 110 -6.79 -21.85 -0.90
CA SER A 110 -5.44 -22.38 -0.82
C SER A 110 -4.99 -22.43 0.65
N ASP A 111 -3.92 -23.17 0.89
CA ASP A 111 -3.46 -23.44 2.25
C ASP A 111 -2.72 -22.26 2.87
N SER A 112 -2.57 -21.14 2.16
CA SER A 112 -1.96 -19.96 2.76
C SER A 112 -2.92 -19.19 3.65
N VAL A 113 -4.17 -19.61 3.75
CA VAL A 113 -5.08 -18.96 4.69
C VAL A 113 -4.61 -19.20 6.12
N THR A 114 -4.00 -20.36 6.38
CA THR A 114 -3.48 -20.64 7.71
C THR A 114 -2.36 -19.69 8.12
N PRO A 115 -1.34 -19.41 7.30
CA PRO A 115 -0.34 -18.42 7.71
C PRO A 115 -0.83 -16.98 7.68
N VAL A 116 -1.84 -16.62 6.89
CA VAL A 116 -2.27 -15.22 6.88
C VAL A 116 -3.25 -14.93 8.01
N LEU A 117 -4.21 -15.82 8.27
CA LEU A 117 -5.30 -15.52 9.21
C LEU A 117 -5.37 -16.46 10.40
N ASN A 118 -4.43 -17.40 10.55
CA ASN A 118 -4.48 -18.44 11.56
C ASN A 118 -5.87 -19.09 11.59
N GLN A 119 -6.26 -19.59 10.42
CA GLN A 119 -7.54 -20.26 10.25
C GLN A 119 -7.31 -21.49 9.42
N PRO A 120 -7.60 -22.70 9.94
CA PRO A 120 -7.48 -23.91 9.13
C PRO A 120 -8.37 -23.84 7.90
N GLN A 121 -7.97 -24.57 6.86
CA GLN A 121 -8.85 -24.70 5.71
C GLN A 121 -10.14 -25.43 6.08
N SER A 122 -10.07 -26.28 7.12
CA SER A 122 -11.24 -26.81 7.78
C SER A 122 -12.32 -25.75 7.96
N GLU A 123 -11.93 -24.61 8.54
CA GLU A 123 -12.91 -23.56 8.82
C GLU A 123 -13.41 -22.91 7.54
N TRP A 124 -12.52 -22.71 6.56
CA TRP A 124 -12.91 -21.99 5.36
C TRP A 124 -13.63 -22.90 4.37
N PHE A 125 -13.01 -24.03 4.01
CA PHE A 125 -13.61 -24.93 3.03
C PHE A 125 -14.95 -25.43 3.53
N GLY A 126 -15.94 -25.45 2.63
CA GLY A 126 -17.29 -25.85 3.01
C GLY A 126 -18.00 -24.83 3.86
N SER A 127 -17.82 -23.55 3.55
CA SER A 127 -18.47 -22.45 4.26
C SER A 127 -18.65 -21.31 3.27
N THR A 128 -19.17 -20.19 3.75
CA THR A 128 -19.44 -19.03 2.90
C THR A 128 -18.62 -17.85 3.42
N LEU A 129 -18.08 -17.06 2.50
CA LEU A 129 -17.22 -15.95 2.90
C LEU A 129 -17.92 -14.99 3.87
N TYR A 130 -19.27 -14.93 3.84
CA TYR A 130 -20.01 -14.05 4.74
C TYR A 130 -19.74 -14.35 6.20
N ASP A 131 -19.66 -15.63 6.56
CA ASP A 131 -19.44 -15.99 7.96
C ASP A 131 -17.98 -15.89 8.36
N GLN A 132 -17.10 -15.60 7.39
CA GLN A 132 -15.69 -15.38 7.65
C GLN A 132 -15.30 -13.91 7.59
N VAL A 133 -16.26 -12.99 7.54
CA VAL A 133 -15.94 -11.57 7.52
C VAL A 133 -16.82 -10.83 8.53
N HIS A 134 -16.38 -9.61 8.84
CA HIS A 134 -17.02 -8.78 9.84
C HIS A 134 -18.50 -8.61 9.53
N PRO A 135 -19.37 -8.59 10.55
CA PRO A 135 -20.83 -8.50 10.28
C PRO A 135 -21.23 -7.26 9.51
N ASP A 136 -20.55 -6.13 9.70
CA ASP A 136 -20.90 -4.91 9.00
C ASP A 136 -20.28 -4.82 7.62
N ASP A 137 -19.62 -5.89 7.15
CA ASP A 137 -19.02 -5.92 5.84
C ASP A 137 -19.78 -6.83 4.88
N VAL A 138 -20.74 -7.61 5.39
CA VAL A 138 -21.51 -8.51 4.53
C VAL A 138 -22.18 -7.78 3.36
N ASP A 139 -22.35 -6.47 3.45
CA ASP A 139 -23.04 -5.68 2.44
C ASP A 139 -22.15 -5.26 1.28
N LYS A 140 -21.04 -4.61 1.58
CA LYS A 140 -19.96 -4.51 0.61
C LYS A 140 -19.69 -5.88 -0.03
N LEU A 141 -19.75 -6.93 0.78
CA LEU A 141 -19.47 -8.27 0.28
C LEU A 141 -20.50 -8.70 -0.76
N ARG A 142 -21.79 -8.51 -0.50
CA ARG A 142 -22.81 -8.90 -1.47
C ARG A 142 -22.77 -8.00 -2.71
N GLU A 143 -22.57 -6.69 -2.50
CA GLU A 143 -22.37 -5.76 -3.60
C GLU A 143 -21.28 -6.23 -4.56
N GLN A 144 -20.10 -6.55 -4.01
CA GLN A 144 -19.01 -7.02 -4.85
C GLN A 144 -19.31 -8.39 -5.44
N LEU A 145 -19.96 -9.26 -4.68
CA LEU A 145 -20.31 -10.59 -5.16
C LEU A 145 -21.45 -10.56 -6.15
N SER A 146 -22.08 -9.41 -6.36
CA SER A 146 -23.18 -9.32 -7.31
C SER A 146 -22.72 -9.65 -8.72
N THR A 147 -23.65 -10.17 -9.52
CA THR A 147 -23.41 -10.48 -10.92
C THR A 147 -24.36 -9.71 -11.83
N SER A 148 -25.00 -8.66 -11.30
CA SER A 148 -26.07 -7.99 -12.05
C SER A 148 -25.52 -7.17 -13.21
N GLU A 149 -24.49 -6.37 -12.96
CA GLU A 149 -23.94 -5.48 -13.98
C GLU A 149 -22.62 -5.98 -14.56
N ASN A 150 -21.86 -6.76 -13.81
CA ASN A 150 -20.55 -7.23 -14.27
C ASN A 150 -20.41 -8.73 -14.04
N MET A 177 -17.92 -14.02 -17.74
CA MET A 177 -18.03 -12.58 -17.56
C MET A 177 -16.65 -11.95 -17.45
N GLY A 178 -15.77 -12.58 -16.67
CA GLY A 178 -14.40 -12.14 -16.52
C GLY A 178 -14.25 -10.69 -16.09
N SER A 179 -15.05 -10.27 -15.11
CA SER A 179 -15.00 -8.90 -14.60
C SER A 179 -14.08 -8.85 -13.39
N ARG A 180 -13.46 -7.69 -13.18
CA ARG A 180 -12.53 -7.53 -12.07
C ARG A 180 -13.26 -7.13 -10.79
N ARG A 181 -12.57 -7.29 -9.68
CA ARG A 181 -13.06 -6.99 -8.34
C ARG A 181 -11.89 -6.52 -7.51
N SER A 182 -12.12 -5.52 -6.67
CA SER A 182 -11.08 -5.03 -5.77
C SER A 182 -11.77 -4.32 -4.62
N PHE A 183 -11.76 -4.96 -3.46
CA PHE A 183 -12.39 -4.39 -2.28
C PHE A 183 -11.51 -4.63 -1.06
N ILE A 184 -11.97 -4.13 0.08
CA ILE A 184 -11.27 -4.29 1.34
C ILE A 184 -12.30 -4.72 2.37
N CYS A 185 -11.98 -5.75 3.15
CA CYS A 185 -12.93 -6.19 4.16
C CYS A 185 -12.17 -6.58 5.42
N ARG A 186 -12.92 -6.93 6.46
CA ARG A 186 -12.35 -7.40 7.71
C ARG A 186 -12.69 -8.87 7.87
N MET A 187 -11.65 -9.71 7.92
CA MET A 187 -11.83 -11.14 8.00
C MET A 187 -11.46 -11.62 9.40
N ARG A 188 -12.21 -12.61 9.90
CA ARG A 188 -11.99 -13.12 11.24
C ARG A 188 -10.70 -13.95 11.27
N CYS A 189 -10.02 -13.92 12.42
CA CYS A 189 -8.73 -14.57 12.58
C CYS A 189 -8.70 -15.31 13.91
N GLY A 190 -7.53 -15.89 14.21
CA GLY A 190 -7.26 -16.51 15.50
C GLY A 190 -8.11 -17.72 15.83
N HIS A 222 -11.71 -11.05 16.82
CA HIS A 222 -10.72 -10.19 16.18
C HIS A 222 -10.76 -10.31 14.66
N PHE A 223 -10.60 -9.17 13.98
CA PHE A 223 -10.61 -9.13 12.53
C PHE A 223 -9.37 -8.42 12.02
N VAL A 224 -8.97 -8.78 10.80
CA VAL A 224 -7.83 -8.15 10.13
C VAL A 224 -8.31 -7.55 8.82
N VAL A 225 -7.71 -6.43 8.44
CA VAL A 225 -8.01 -5.79 7.17
C VAL A 225 -7.36 -6.61 6.05
N VAL A 226 -8.13 -6.87 5.01
CA VAL A 226 -7.70 -7.72 3.90
C VAL A 226 -8.04 -6.99 2.61
N HIS A 227 -7.00 -6.75 1.79
CA HIS A 227 -7.22 -6.28 0.42
C HIS A 227 -7.50 -7.47 -0.48
N CYS A 228 -8.60 -7.43 -1.22
CA CYS A 228 -9.00 -8.54 -2.08
C CYS A 228 -9.11 -8.07 -3.52
N THR A 229 -8.36 -8.71 -4.41
CA THR A 229 -8.42 -8.45 -5.84
C THR A 229 -8.71 -9.76 -6.56
N GLY A 230 -9.57 -9.70 -7.57
CA GLY A 230 -9.84 -10.91 -8.33
C GLY A 230 -10.69 -10.63 -9.55
N TYR A 231 -11.26 -11.71 -10.08
CA TYR A 231 -12.19 -11.65 -11.21
C TYR A 231 -13.27 -12.70 -11.01
N ILE A 232 -14.20 -12.77 -11.95
CA ILE A 232 -15.31 -13.72 -11.89
C ILE A 232 -15.23 -14.66 -13.09
N LYS A 233 -15.13 -15.96 -12.81
CA LYS A 233 -15.07 -17.02 -13.80
C LYS A 233 -16.29 -17.91 -13.66
N ALA A 234 -16.66 -18.58 -14.75
CA ALA A 234 -17.72 -19.58 -14.70
C ALA A 234 -17.36 -20.67 -13.70
N TRP A 235 -18.33 -21.02 -12.86
CA TRP A 235 -18.16 -22.01 -11.79
C TRP A 235 -17.55 -23.33 -12.28
N PRO A 236 -18.11 -24.01 -13.32
CA PRO A 236 -17.66 -25.34 -13.77
C PRO A 236 -16.19 -25.72 -13.49
N LYS A 254 -22.63 -21.49 -10.52
CA LYS A 254 -22.64 -20.93 -11.87
C LYS A 254 -21.52 -19.91 -12.07
N PHE A 255 -21.50 -18.87 -11.26
CA PHE A 255 -20.45 -17.87 -11.29
C PHE A 255 -19.62 -17.95 -10.02
N CYS A 256 -18.36 -17.52 -10.11
CA CYS A 256 -17.42 -17.71 -9.02
C CYS A 256 -16.41 -16.56 -9.02
N LEU A 257 -16.14 -16.02 -7.84
CA LEU A 257 -15.06 -15.05 -7.67
C LEU A 257 -13.76 -15.79 -7.36
N VAL A 258 -12.78 -15.60 -8.24
CA VAL A 258 -11.40 -16.02 -8.03
C VAL A 258 -10.65 -14.80 -7.51
N ALA A 259 -10.07 -14.89 -6.32
CA ALA A 259 -9.52 -13.68 -5.72
C ALA A 259 -8.35 -13.99 -4.80
N ILE A 260 -7.44 -13.02 -4.71
CA ILE A 260 -6.35 -13.00 -3.76
C ILE A 260 -6.71 -12.05 -2.64
N GLY A 261 -6.48 -12.48 -1.40
CA GLY A 261 -6.60 -11.62 -0.25
C GLY A 261 -5.26 -11.48 0.44
N ARG A 262 -4.77 -10.25 0.56
CA ARG A 262 -3.48 -9.96 1.18
C ARG A 262 -3.69 -9.18 2.47
N LEU A 263 -2.91 -9.55 3.49
CA LEU A 263 -2.77 -8.81 4.74
C LEU A 263 -1.78 -7.68 4.54
N GLN A 264 -1.84 -6.69 5.43
CA GLN A 264 -1.00 -5.51 5.25
C GLN A 264 -0.95 -4.72 6.56
N VAL A 265 0.11 -3.92 6.69
CA VAL A 265 0.28 -3.04 7.84
C VAL A 265 -0.21 -1.63 7.51
N PRO A 280 -4.26 5.66 31.91
CA PRO A 280 -4.26 6.93 31.16
C PRO A 280 -3.49 8.03 31.89
N THR A 281 -2.25 8.25 31.47
CA THR A 281 -1.36 9.20 32.10
C THR A 281 -1.42 10.60 31.49
N GLU A 282 -2.12 10.75 30.37
CA GLU A 282 -2.01 11.96 29.55
C GLU A 282 -3.19 12.01 28.60
N PHE A 283 -3.32 13.13 27.91
CA PHE A 283 -4.33 13.22 26.86
C PHE A 283 -3.91 14.26 25.82
N ILE A 284 -4.26 14.00 24.57
CA ILE A 284 -3.81 14.83 23.45
C ILE A 284 -4.95 15.77 23.04
N SER A 285 -4.58 17.02 22.76
CA SER A 285 -5.52 18.05 22.37
C SER A 285 -4.96 18.82 21.18
N ARG A 286 -5.85 19.35 20.37
CA ARG A 286 -5.48 20.30 19.32
C ARG A 286 -6.17 21.63 19.62
N HIS A 287 -5.49 22.72 19.30
CA HIS A 287 -5.96 24.05 19.66
C HIS A 287 -5.78 25.00 18.48
N ASN A 288 -6.61 26.02 18.41
CA ASN A 288 -6.25 27.15 17.56
C ASN A 288 -5.18 27.97 18.27
N ILE A 289 -4.53 28.87 17.52
CA ILE A 289 -3.46 29.66 18.12
C ILE A 289 -4.00 30.55 19.23
N GLU A 290 -5.30 30.82 19.24
CA GLU A 290 -5.91 31.52 20.36
C GLU A 290 -5.81 30.69 21.64
N GLY A 291 -6.03 29.38 21.54
CA GLY A 291 -5.90 28.50 22.69
C GLY A 291 -7.14 27.67 22.95
N ILE A 292 -8.10 27.78 22.05
CA ILE A 292 -9.38 27.07 22.25
C ILE A 292 -9.15 25.63 21.87
N PHE A 293 -9.68 24.71 22.66
CA PHE A 293 -9.56 23.27 22.34
C PHE A 293 -10.47 23.01 21.14
N THR A 294 -9.90 22.54 20.03
CA THR A 294 -10.68 22.26 18.82
C THR A 294 -10.69 20.74 18.68
N PHE A 295 -9.97 20.07 19.57
CA PHE A 295 -9.95 18.61 19.54
C PHE A 295 -9.49 18.14 20.91
N VAL A 296 -10.14 17.11 21.45
CA VAL A 296 -9.71 16.43 22.66
C VAL A 296 -9.92 14.93 22.46
N ASP A 297 -8.92 14.13 22.82
CA ASP A 297 -9.13 12.69 22.78
C ASP A 297 -9.86 12.23 24.04
N HIS A 298 -10.46 11.04 23.94
CA HIS A 298 -11.36 10.53 24.97
C HIS A 298 -10.69 10.31 26.33
N ARG A 299 -9.36 10.39 26.42
CA ARG A 299 -8.68 10.07 27.67
C ARG A 299 -8.85 11.15 28.74
N CYS A 300 -9.29 12.34 28.35
CA CYS A 300 -9.31 13.48 29.26
C CYS A 300 -10.22 13.27 30.48
N VAL A 301 -11.21 12.39 30.37
CA VAL A 301 -12.08 12.12 31.51
C VAL A 301 -11.32 11.45 32.64
N ALA A 302 -10.26 10.70 32.32
CA ALA A 302 -9.50 10.01 33.35
C ALA A 302 -8.31 10.80 33.84
N THR A 303 -7.95 11.88 33.16
CA THR A 303 -6.85 12.72 33.58
C THR A 303 -7.32 13.99 34.29
N VAL A 304 -8.43 14.57 33.84
CA VAL A 304 -8.90 15.84 34.41
C VAL A 304 -10.36 15.74 34.82
N GLY A 305 -11.02 14.64 34.46
CA GLY A 305 -12.39 14.39 34.89
C GLY A 305 -13.46 15.01 34.03
N TYR A 306 -13.10 15.90 33.09
CA TYR A 306 -14.09 16.53 32.23
C TYR A 306 -14.47 15.63 31.07
N GLN A 307 -15.75 15.65 30.74
CA GLN A 307 -16.18 15.09 29.46
C GLN A 307 -15.63 15.95 28.33
N PRO A 308 -15.23 15.33 27.21
CA PRO A 308 -14.64 16.09 26.10
C PRO A 308 -15.41 17.35 25.73
N GLN A 309 -16.73 17.26 25.66
CA GLN A 309 -17.53 18.43 25.33
C GLN A 309 -17.41 19.55 26.36
N GLU A 310 -16.99 19.24 27.59
CA GLU A 310 -16.84 20.29 28.59
C GLU A 310 -15.57 21.10 28.35
N LEU A 311 -14.61 20.56 27.60
CA LEU A 311 -13.37 21.24 27.24
C LEU A 311 -13.43 21.90 25.87
N LEU A 312 -13.97 21.20 24.86
CA LEU A 312 -14.04 21.73 23.51
C LEU A 312 -14.81 23.04 23.48
N GLY A 313 -14.28 23.99 22.72
CA GLY A 313 -14.87 25.30 22.60
C GLY A 313 -14.40 26.30 23.64
N LYS A 314 -13.80 25.84 24.72
CA LYS A 314 -13.27 26.70 25.78
C LYS A 314 -11.78 26.89 25.62
N ASN A 315 -11.25 27.94 26.24
CA ASN A 315 -9.82 28.17 26.23
C ASN A 315 -9.13 27.40 27.34
N ILE A 316 -7.89 26.98 27.05
CA ILE A 316 -7.14 26.19 28.01
C ILE A 316 -6.74 27.04 29.22
N VAL A 317 -6.60 28.35 29.03
CA VAL A 317 -6.28 29.22 30.15
C VAL A 317 -7.44 29.29 31.14
N GLU A 318 -8.67 28.97 30.70
CA GLU A 318 -9.80 28.97 31.62
C GLU A 318 -9.60 27.97 32.74
N PHE A 319 -9.00 26.82 32.44
CA PHE A 319 -8.77 25.77 33.42
C PHE A 319 -7.42 25.91 34.12
N CYS A 320 -6.69 26.99 33.86
CA CYS A 320 -5.38 27.23 34.45
C CYS A 320 -5.49 28.09 35.68
N HIS A 321 -4.83 27.66 36.77
CA HIS A 321 -4.75 28.44 37.98
C HIS A 321 -4.30 29.87 37.67
N PRO A 322 -4.96 30.90 38.23
CA PRO A 322 -4.61 32.28 37.87
C PRO A 322 -3.15 32.63 38.08
N GLU A 323 -2.48 31.96 39.03
CA GLU A 323 -1.06 32.21 39.26
C GLU A 323 -0.23 31.78 38.06
N ASP A 324 -0.50 30.59 37.52
CA ASP A 324 0.24 30.03 36.41
C ASP A 324 -0.25 30.52 35.06
N GLN A 325 -1.21 31.45 35.02
CA GLN A 325 -1.88 31.75 33.76
C GLN A 325 -0.94 32.45 32.77
N GLN A 326 -0.09 33.35 33.26
CA GLN A 326 0.82 34.03 32.33
C GLN A 326 1.90 33.08 31.81
N LEU A 327 2.29 32.07 32.60
CA LEU A 327 3.26 31.09 32.11
C LEU A 327 2.74 30.39 30.85
N LEU A 328 1.55 29.80 30.95
CA LEU A 328 0.94 29.11 29.83
C LEU A 328 0.61 30.09 28.70
N ARG A 329 0.15 31.29 29.04
CA ARG A 329 -0.15 32.28 28.01
C ARG A 329 1.09 32.65 27.22
N ASP A 330 2.25 32.71 27.89
CA ASP A 330 3.51 33.02 27.21
C ASP A 330 3.96 31.85 26.34
N SER A 331 3.74 30.63 26.81
CA SER A 331 4.20 29.44 26.05
C SER A 331 3.48 29.39 24.72
N PHE A 332 2.22 29.79 24.73
CA PHE A 332 1.43 29.64 23.50
C PHE A 332 1.98 30.56 22.41
N GLN A 333 2.35 31.78 22.76
CA GLN A 333 2.97 32.67 21.74
C GLN A 333 4.32 32.11 21.36
N GLN A 334 5.06 31.62 22.34
CA GLN A 334 6.44 31.14 22.06
C GLN A 334 6.41 29.97 21.09
N VAL A 335 5.49 29.03 21.27
CA VAL A 335 5.42 27.83 20.40
C VAL A 335 5.14 28.29 18.97
N VAL A 336 4.34 29.34 18.83
CA VAL A 336 4.03 29.86 17.47
C VAL A 336 5.30 30.51 16.90
N LYS A 337 5.91 31.42 17.63
CA LYS A 337 7.15 31.98 17.08
C LYS A 337 8.19 30.89 16.89
N LEU A 338 8.29 29.96 17.84
CA LEU A 338 9.22 28.83 17.77
C LEU A 338 8.63 27.73 16.91
N LYS A 339 8.20 28.11 15.70
CA LYS A 339 7.35 27.28 14.85
C LYS A 339 7.93 25.87 14.66
N GLY A 340 7.05 24.88 14.66
CA GLY A 340 7.40 23.50 14.44
C GLY A 340 8.02 22.78 15.62
N GLN A 341 8.32 23.49 16.69
CA GLN A 341 9.21 23.00 17.73
C GLN A 341 8.46 22.85 19.05
N VAL A 342 8.86 21.88 19.86
CA VAL A 342 8.13 21.53 21.07
C VAL A 342 8.70 22.33 22.25
N LEU A 343 7.80 22.85 23.08
CA LEU A 343 8.17 23.36 24.39
C LEU A 343 7.15 22.85 25.39
N SER A 344 7.55 22.80 26.65
CA SER A 344 6.77 22.15 27.69
C SER A 344 6.59 23.12 28.85
N VAL A 345 5.40 23.69 28.96
CA VAL A 345 5.04 24.50 30.11
C VAL A 345 4.41 23.60 31.15
N MET A 346 4.42 24.06 32.40
CA MET A 346 3.87 23.28 33.51
C MET A 346 2.99 24.18 34.35
N PHE A 347 1.70 23.86 34.41
CA PHE A 347 0.74 24.73 35.08
C PHE A 347 -0.20 23.90 35.96
N ARG A 348 -1.06 24.57 36.70
CA ARG A 348 -2.07 23.90 37.51
C ARG A 348 -3.39 23.91 36.73
N PHE A 349 -3.96 22.73 36.55
CA PHE A 349 -5.15 22.52 35.75
C PHE A 349 -6.34 22.30 36.68
N ARG A 350 -7.45 22.98 36.40
CA ARG A 350 -8.66 22.83 37.19
C ARG A 350 -9.42 21.61 36.71
N SER A 351 -9.65 20.65 37.61
CA SER A 351 -10.37 19.44 37.25
C SER A 351 -11.86 19.70 37.24
N LYS A 352 -12.61 18.73 36.72
CA LYS A 352 -14.05 18.74 36.95
C LYS A 352 -14.34 18.64 38.44
N THR A 353 -13.55 17.83 39.15
CA THR A 353 -13.62 17.72 40.61
C THR A 353 -12.90 18.87 41.30
N ARG A 354 -12.47 19.87 40.54
CA ARG A 354 -12.13 21.22 41.00
C ARG A 354 -10.70 21.35 41.57
N GLU A 355 -9.94 20.26 41.69
CA GLU A 355 -8.67 20.25 42.39
C GLU A 355 -7.52 20.56 41.44
N TRP A 356 -6.77 21.61 41.77
CA TRP A 356 -5.60 21.96 40.98
C TRP A 356 -4.70 20.76 40.85
N LEU A 357 -4.49 20.35 39.61
CA LEU A 357 -3.63 19.22 39.27
C LEU A 357 -2.49 19.75 38.42
N TRP A 358 -1.26 19.54 38.86
CA TRP A 358 -0.13 19.90 38.02
C TRP A 358 -0.26 19.22 36.67
N MET A 359 0.23 19.88 35.63
CA MET A 359 0.04 19.41 34.27
C MET A 359 1.22 19.87 33.43
N ARG A 360 1.89 18.90 32.83
CA ARG A 360 3.02 19.13 31.93
C ARG A 360 2.46 19.12 30.51
N THR A 361 2.33 20.30 29.92
CA THR A 361 1.81 20.42 28.57
C THR A 361 2.99 20.64 27.62
N SER A 362 3.24 19.66 26.76
CA SER A 362 4.21 19.78 25.69
C SER A 362 3.46 20.07 24.41
N SER A 363 3.78 21.20 23.79
CA SER A 363 3.08 21.68 22.63
C SER A 363 4.07 21.90 21.49
N PHE A 364 3.55 21.83 20.27
CA PHE A 364 4.29 22.22 19.09
C PHE A 364 3.30 22.63 18.01
N THR A 365 3.83 23.35 17.02
CA THR A 365 3.04 23.81 15.89
C THR A 365 2.96 22.73 14.81
N PHE A 366 1.78 22.59 14.21
CA PHE A 366 1.57 21.79 13.01
C PHE A 366 1.18 22.73 11.88
N GLN A 367 1.80 22.55 10.72
CA GLN A 367 1.60 23.46 9.60
C GLN A 367 1.43 22.69 8.30
N ASN A 368 0.63 23.28 7.40
CA ASN A 368 0.27 22.64 6.14
C ASN A 368 1.51 22.35 5.31
N PRO A 369 1.66 21.13 4.78
CA PRO A 369 2.89 20.79 4.04
C PRO A 369 3.02 21.46 2.68
N TYR A 370 2.00 22.23 2.28
CA TYR A 370 2.01 22.95 0.99
C TYR A 370 2.13 24.45 1.23
N SER A 371 1.11 25.05 1.87
CA SER A 371 1.11 26.50 2.18
C SER A 371 1.88 26.77 3.46
N ASP A 372 2.19 25.79 4.30
CA ASP A 372 2.89 26.08 5.58
C ASP A 372 2.08 27.01 6.48
N GLU A 373 0.80 27.21 6.16
CA GLU A 373 -0.07 27.99 7.08
C GLU A 373 -0.34 27.13 8.32
N ILE A 374 -0.22 27.69 9.52
CA ILE A 374 -0.36 26.90 10.78
C ILE A 374 -1.76 26.30 10.89
N GLU A 375 -1.84 24.99 11.01
CA GLU A 375 -3.16 24.30 11.02
C GLU A 375 -3.67 24.20 12.46
N TYR A 376 -2.79 23.91 13.40
CA TYR A 376 -3.19 23.88 14.83
C TYR A 376 -2.00 23.68 15.76
N ILE A 377 -2.18 23.97 17.03
CA ILE A 377 -1.13 23.68 18.03
C ILE A 377 -1.52 22.32 18.59
N ILE A 378 -0.56 21.43 18.79
CA ILE A 378 -0.85 20.04 19.26
C ILE A 378 -0.27 19.90 20.66
N CYS A 379 -1.09 19.57 21.65
CA CYS A 379 -0.63 19.53 23.05
C CYS A 379 -0.84 18.16 23.71
N THR A 380 0.19 17.64 24.36
CA THR A 380 0.07 16.40 25.11
C THR A 380 0.09 16.80 26.58
N ASN A 381 -1.09 16.75 27.18
CA ASN A 381 -1.26 17.17 28.58
C ASN A 381 -1.00 15.99 29.49
N THR A 382 0.13 16.03 30.18
CA THR A 382 0.52 14.91 31.04
C THR A 382 0.48 15.35 32.50
N ASN A 383 -0.35 14.68 33.30
CA ASN A 383 -0.41 14.97 34.74
C ASN A 383 0.97 14.75 35.35
N VAL A 384 1.48 15.73 36.07
CA VAL A 384 2.77 15.55 36.76
C VAL A 384 2.48 15.42 38.25
N GLU B 29 27.23 -25.20 -35.07
CA GLU B 29 26.55 -23.96 -35.56
C GLU B 29 25.88 -23.29 -34.38
N THR B 30 25.18 -22.19 -34.64
CA THR B 30 24.54 -21.40 -33.56
C THR B 30 23.05 -21.74 -33.49
N GLU B 31 22.66 -22.93 -33.97
CA GLU B 31 21.25 -23.37 -33.83
C GLU B 31 20.93 -23.65 -32.35
N VAL B 32 21.94 -23.84 -31.50
CA VAL B 32 21.68 -24.02 -30.04
C VAL B 32 21.28 -22.67 -29.46
N PHE B 33 21.52 -21.59 -30.21
CA PHE B 33 21.10 -20.23 -29.79
C PHE B 33 19.70 -20.01 -30.31
N TYR B 34 19.10 -21.07 -30.84
CA TYR B 34 17.68 -21.02 -31.22
C TYR B 34 17.08 -22.12 -30.35
N GLU B 35 17.93 -22.75 -29.54
CA GLU B 35 17.44 -23.94 -28.80
C GLU B 35 17.73 -23.88 -27.32
N LEU B 36 17.05 -22.99 -26.57
CA LEU B 36 17.14 -23.01 -25.09
C LEU B 36 15.70 -23.01 -24.58
N ALA B 37 15.32 -24.07 -23.86
CA ALA B 37 13.93 -24.19 -23.37
C ALA B 37 13.77 -23.37 -22.09
N HIS B 38 13.44 -22.08 -22.24
CA HIS B 38 13.34 -21.19 -21.07
C HIS B 38 11.89 -21.12 -20.56
N GLU B 39 11.54 -21.99 -19.62
CA GLU B 39 10.22 -21.96 -18.98
C GLU B 39 9.05 -21.82 -19.97
N HIS B 44 5.65 -23.52 -26.48
CA HIS B 44 6.82 -22.66 -26.33
C HIS B 44 7.18 -21.99 -27.65
N SER B 45 6.38 -21.00 -28.05
CA SER B 45 6.59 -20.26 -29.28
C SER B 45 7.45 -19.01 -29.07
N VAL B 46 8.00 -18.82 -27.88
CA VAL B 46 8.92 -17.73 -27.62
C VAL B 46 10.30 -18.21 -27.18
N SER B 47 10.44 -19.44 -26.68
CA SER B 47 11.75 -20.02 -26.44
C SER B 47 12.48 -20.35 -27.74
N SER B 48 11.72 -20.43 -28.83
CA SER B 48 12.32 -20.73 -30.16
C SER B 48 13.23 -19.58 -30.59
N HIS B 49 12.65 -18.42 -30.93
CA HIS B 49 13.48 -17.31 -31.46
C HIS B 49 13.64 -16.21 -30.41
N LEU B 50 14.88 -15.86 -30.06
CA LEU B 50 15.17 -14.73 -29.14
C LEU B 50 16.37 -13.98 -29.73
N ASP B 51 16.56 -12.71 -29.39
CA ASP B 51 17.63 -11.94 -30.07
C ASP B 51 18.75 -11.52 -29.11
N LYS B 52 20.01 -11.81 -29.46
CA LYS B 52 21.18 -11.33 -28.67
C LYS B 52 21.14 -11.80 -27.21
N ALA B 53 21.22 -10.85 -26.26
CA ALA B 53 21.31 -11.19 -24.82
C ALA B 53 20.03 -11.81 -24.28
N SER B 54 18.92 -11.76 -25.02
CA SER B 54 17.62 -12.24 -24.46
C SER B 54 17.73 -13.71 -24.04
N ILE B 55 18.36 -14.56 -24.85
CA ILE B 55 18.43 -16.01 -24.50
C ILE B 55 19.22 -16.16 -23.19
N MET B 56 20.40 -15.56 -23.11
CA MET B 56 21.30 -15.79 -21.95
C MET B 56 20.82 -15.11 -20.69
N ARG B 57 20.44 -13.86 -20.80
CA ARG B 57 20.06 -13.10 -19.60
C ARG B 57 18.90 -13.85 -18.97
N LEU B 58 17.98 -14.29 -19.80
CA LEU B 58 16.79 -14.94 -19.24
C LEU B 58 17.25 -16.18 -18.49
N ALA B 59 18.17 -16.94 -19.07
CA ALA B 59 18.59 -18.22 -18.45
C ALA B 59 19.30 -18.01 -17.14
N ILE B 60 20.23 -17.08 -17.09
CA ILE B 60 21.01 -16.88 -15.85
C ILE B 60 20.01 -16.43 -14.80
N SER B 61 19.09 -15.56 -15.20
CA SER B 61 18.11 -15.01 -14.27
C SER B 61 17.23 -16.13 -13.73
N PHE B 62 16.84 -17.04 -14.60
CA PHE B 62 15.95 -18.14 -14.17
C PHE B 62 16.66 -18.98 -13.12
N LEU B 63 17.93 -19.26 -13.33
CA LEU B 63 18.60 -20.17 -12.39
C LEU B 63 18.79 -19.45 -11.06
N ARG B 64 19.13 -18.18 -11.10
CA ARG B 64 19.24 -17.43 -9.85
C ARG B 64 17.91 -17.40 -9.11
N THR B 65 16.81 -17.25 -9.84
CA THR B 65 15.48 -17.27 -9.24
C THR B 65 15.20 -18.61 -8.58
N HIS B 66 15.48 -19.71 -9.28
CA HIS B 66 15.30 -21.04 -8.70
C HIS B 66 16.15 -21.20 -7.43
N LYS B 67 17.37 -20.65 -7.45
CA LYS B 67 18.22 -20.72 -6.26
C LYS B 67 17.54 -20.04 -5.08
N LEU B 68 16.90 -18.89 -5.30
CA LEU B 68 16.18 -18.24 -4.20
C LEU B 68 14.93 -19.03 -3.81
N LEU B 69 14.25 -19.60 -4.79
CA LEU B 69 12.99 -20.30 -4.53
C LEU B 69 13.22 -21.53 -3.67
N SER B 70 14.36 -22.19 -3.85
CA SER B 70 14.74 -23.24 -2.91
C SER B 70 14.81 -22.68 -1.50
N SER B 71 15.45 -21.53 -1.33
CA SER B 71 15.60 -20.94 -0.01
C SER B 71 14.26 -20.62 0.63
N VAL B 72 13.28 -20.18 -0.17
CA VAL B 72 11.99 -19.81 0.42
C VAL B 72 11.13 -21.04 0.67
N CYS B 73 10.99 -21.90 -0.34
CA CYS B 73 10.02 -22.98 -0.30
C CYS B 73 10.36 -24.01 0.78
N SER B 74 9.43 -24.21 1.72
CA SER B 74 9.49 -25.28 2.72
C SER B 74 10.76 -25.25 3.56
N GLN B 85 0.08 -26.59 -12.38
CA GLN B 85 -1.35 -26.66 -12.04
C GLN B 85 -2.01 -25.29 -12.16
N MET B 86 -2.39 -24.72 -11.02
CA MET B 86 -3.16 -23.48 -10.98
C MET B 86 -2.21 -22.29 -11.04
N ASP B 87 -1.45 -22.22 -12.13
CA ASP B 87 -0.50 -21.13 -12.35
C ASP B 87 -1.12 -19.95 -13.09
N ASN B 88 -2.40 -20.02 -13.45
CA ASN B 88 -3.04 -18.94 -14.20
C ASN B 88 -4.07 -18.17 -13.39
N LEU B 89 -4.65 -18.76 -12.35
CA LEU B 89 -5.59 -18.02 -11.51
C LEU B 89 -4.84 -16.98 -10.67
N TYR B 90 -3.72 -17.37 -10.10
CA TYR B 90 -2.97 -16.53 -9.17
C TYR B 90 -2.61 -15.18 -9.79
N LEU B 91 -2.08 -15.20 -11.02
CA LEU B 91 -1.58 -13.97 -11.62
C LEU B 91 -2.62 -13.25 -12.47
N LYS B 92 -3.82 -13.81 -12.64
CA LYS B 92 -4.93 -13.06 -13.20
C LYS B 92 -5.84 -12.49 -12.12
N ALA B 93 -5.66 -12.89 -10.87
CA ALA B 93 -6.33 -12.22 -9.75
C ALA B 93 -5.55 -11.00 -9.27
N LEU B 94 -4.23 -11.00 -9.40
CA LEU B 94 -3.42 -9.88 -8.90
C LEU B 94 -3.73 -8.61 -9.66
N GLU B 95 -3.73 -7.49 -8.94
CA GLU B 95 -3.78 -6.16 -9.52
C GLU B 95 -2.38 -5.53 -9.57
N GLY B 96 -1.38 -6.37 -9.77
CA GLY B 96 0.01 -5.95 -9.84
C GLY B 96 0.86 -7.14 -10.23
N PHE B 97 2.17 -6.89 -10.32
CA PHE B 97 3.09 -7.94 -10.73
C PHE B 97 4.09 -8.23 -9.63
N ILE B 98 4.69 -9.41 -9.70
CA ILE B 98 5.69 -9.87 -8.75
C ILE B 98 7.08 -9.58 -9.31
N ALA B 99 7.96 -9.07 -8.47
CA ALA B 99 9.34 -8.76 -8.87
C ALA B 99 10.30 -9.26 -7.82
N VAL B 100 11.30 -10.02 -8.27
CA VAL B 100 12.44 -10.43 -7.47
C VAL B 100 13.65 -9.69 -7.99
N VAL B 101 14.16 -8.76 -7.15
CA VAL B 101 15.27 -7.88 -7.49
C VAL B 101 16.40 -8.12 -6.50
N THR B 102 17.61 -8.30 -7.00
CA THR B 102 18.74 -8.59 -6.13
C THR B 102 19.28 -7.30 -5.49
N GLN B 103 20.29 -7.47 -4.63
CA GLN B 103 20.90 -6.34 -3.95
C GLN B 103 21.66 -5.44 -4.92
N ASP B 104 22.25 -6.01 -5.97
CA ASP B 104 22.85 -5.19 -7.01
C ASP B 104 21.81 -4.33 -7.73
N GLY B 105 20.58 -4.84 -7.82
CA GLY B 105 19.49 -4.14 -8.47
C GLY B 105 18.93 -4.90 -9.66
N ASP B 106 19.37 -6.14 -9.83
CA ASP B 106 18.97 -6.92 -11.01
C ASP B 106 17.56 -7.49 -10.83
N MET B 107 16.70 -7.24 -11.80
CA MET B 107 15.34 -7.80 -11.77
C MET B 107 15.39 -9.24 -12.29
N ILE B 108 15.94 -10.13 -11.46
CA ILE B 108 16.13 -11.50 -11.91
C ILE B 108 14.81 -12.21 -12.13
N PHE B 109 13.72 -11.73 -11.54
CA PHE B 109 12.44 -12.35 -11.86
C PHE B 109 11.35 -11.28 -11.97
N LEU B 110 10.58 -11.35 -13.05
CA LEU B 110 9.42 -10.49 -13.25
C LEU B 110 8.27 -11.36 -13.71
N SER B 111 7.12 -11.20 -13.06
CA SER B 111 5.98 -12.05 -13.35
C SER B 111 5.46 -11.79 -14.77
N GLU B 112 4.68 -12.75 -15.28
CA GLU B 112 4.22 -12.69 -16.66
C GLU B 112 3.25 -11.54 -16.90
N ASN B 113 2.62 -11.05 -15.85
CA ASN B 113 1.56 -10.02 -16.00
C ASN B 113 2.12 -8.61 -16.06
N ILE B 114 3.42 -8.43 -15.89
CA ILE B 114 3.97 -7.06 -15.83
C ILE B 114 3.46 -6.30 -17.06
N SER B 115 3.18 -7.01 -18.14
CA SER B 115 2.79 -6.40 -19.43
C SER B 115 1.44 -5.71 -19.30
N LYS B 116 0.51 -6.36 -18.62
CA LYS B 116 -0.85 -5.81 -18.48
C LYS B 116 -0.78 -4.46 -17.77
N PHE B 117 0.27 -4.22 -17.01
CA PHE B 117 0.31 -2.98 -16.21
C PHE B 117 1.43 -2.08 -16.70
N MET B 118 2.46 -2.67 -17.27
CA MET B 118 3.60 -1.85 -17.64
C MET B 118 3.84 -1.78 -19.14
N GLY B 119 3.31 -2.70 -19.92
CA GLY B 119 3.59 -2.76 -21.35
C GLY B 119 4.90 -3.47 -21.65
N LEU B 120 5.97 -3.05 -20.96
CA LEU B 120 7.25 -3.71 -21.11
C LEU B 120 7.15 -5.17 -20.69
N THR B 121 7.77 -6.05 -21.48
CA THR B 121 7.58 -7.48 -21.34
C THR B 121 8.50 -8.06 -20.25
N GLN B 122 8.10 -9.22 -19.75
CA GLN B 122 8.97 -10.00 -18.86
C GLN B 122 10.29 -10.36 -19.53
N VAL B 123 10.29 -10.56 -20.85
CA VAL B 123 11.52 -10.90 -21.54
C VAL B 123 12.36 -9.67 -21.82
N GLU B 124 11.75 -8.49 -21.97
CA GLU B 124 12.52 -7.27 -22.18
C GLU B 124 13.27 -6.84 -20.93
N LEU B 125 12.86 -7.31 -19.76
CA LEU B 125 13.35 -6.75 -18.52
C LEU B 125 14.06 -7.74 -17.61
N THR B 126 13.70 -9.02 -17.65
CA THR B 126 14.34 -10.00 -16.79
C THR B 126 15.86 -9.97 -16.98
N GLY B 127 16.59 -9.88 -15.88
CA GLY B 127 18.03 -9.76 -15.92
C GLY B 127 18.54 -8.34 -16.02
N HIS B 128 17.68 -7.37 -16.31
CA HIS B 128 18.10 -5.98 -16.39
C HIS B 128 18.00 -5.31 -15.02
N SER B 129 18.71 -4.20 -14.89
CA SER B 129 18.81 -3.49 -13.62
C SER B 129 17.56 -2.64 -13.35
N ILE B 130 17.09 -2.66 -12.11
CA ILE B 130 15.90 -1.89 -11.72
C ILE B 130 16.10 -0.42 -12.03
N PHE B 131 17.33 0.08 -11.94
CA PHE B 131 17.59 1.51 -12.07
C PHE B 131 17.46 2.00 -13.51
N ASP B 132 17.59 1.12 -14.50
CA ASP B 132 17.47 1.52 -15.89
C ASP B 132 16.02 1.69 -16.34
N PHE B 133 15.05 1.37 -15.47
CA PHE B 133 13.63 1.46 -15.81
C PHE B 133 12.83 2.10 -14.69
N THR B 134 13.49 2.81 -13.79
CA THR B 134 12.83 3.54 -12.74
C THR B 134 13.30 4.99 -12.75
N HIS B 135 12.45 5.87 -12.25
CA HIS B 135 12.78 7.29 -12.18
C HIS B 135 14.08 7.48 -11.40
N PRO B 136 15.03 8.26 -11.91
CA PRO B 136 16.31 8.40 -11.20
C PRO B 136 16.18 9.02 -9.83
N CYS B 137 15.27 9.98 -9.65
CA CYS B 137 15.10 10.61 -8.36
C CYS B 137 14.49 9.68 -7.32
N ASP B 138 14.01 8.50 -7.73
CA ASP B 138 13.56 7.47 -6.81
C ASP B 138 14.66 6.50 -6.45
N HIS B 139 15.79 6.53 -7.18
CA HIS B 139 16.79 5.47 -7.11
C HIS B 139 17.30 5.26 -5.68
N GLU B 140 17.68 6.35 -5.01
CA GLU B 140 18.21 6.23 -3.65
C GLU B 140 17.22 5.54 -2.72
N GLU B 141 15.93 5.88 -2.84
CA GLU B 141 14.92 5.18 -2.04
C GLU B 141 14.96 3.69 -2.31
N ILE B 142 14.95 3.32 -3.60
CA ILE B 142 15.03 1.91 -3.97
C ILE B 142 16.28 1.29 -3.39
N ARG B 143 17.37 2.08 -3.30
CA ARG B 143 18.60 1.50 -2.78
C ARG B 143 18.50 1.20 -1.30
N GLU B 144 17.78 2.02 -0.52
CA GLU B 144 17.69 1.70 0.90
C GLU B 144 16.61 0.67 1.19
N ASN B 145 15.71 0.44 0.24
CA ASN B 145 14.77 -0.68 0.36
C ASN B 145 15.36 -2.00 -0.09
N LEU B 146 16.47 -2.00 -0.82
CA LEU B 146 17.14 -3.24 -1.19
C LEU B 146 18.06 -3.76 -0.10
N THR B 147 18.49 -2.90 0.81
CA THR B 147 19.45 -3.26 1.83
C THR B 147 18.79 -4.09 2.94
N LEU B 148 19.63 -4.85 3.63
CA LEU B 148 19.31 -5.62 4.85
C LEU B 148 17.83 -5.80 5.18
N VAL B 161 16.14 -5.85 12.67
CA VAL B 161 16.32 -6.01 11.24
C VAL B 161 15.01 -6.42 10.58
N SER B 162 14.09 -5.46 10.49
CA SER B 162 12.80 -5.73 9.87
C SER B 162 12.99 -5.91 8.37
N THR B 163 12.48 -7.03 7.85
CA THR B 163 12.57 -7.34 6.43
C THR B 163 11.40 -6.79 5.63
N GLU B 164 10.30 -6.42 6.30
CA GLU B 164 9.13 -5.92 5.59
C GLU B 164 9.46 -4.64 4.84
N ARG B 165 8.84 -4.45 3.68
CA ARG B 165 9.05 -3.30 2.82
C ARG B 165 7.73 -2.82 2.27
N ASP B 166 7.54 -1.50 2.28
CA ASP B 166 6.34 -0.87 1.75
C ASP B 166 6.76 0.52 1.27
N PHE B 167 6.67 0.76 -0.03
CA PHE B 167 7.12 2.04 -0.57
C PHE B 167 6.44 2.28 -1.91
N PHE B 168 6.80 3.40 -2.53
CA PHE B 168 6.25 3.78 -3.83
C PHE B 168 7.40 4.15 -4.77
N MET B 169 7.42 3.53 -5.94
CA MET B 169 8.46 3.83 -6.92
C MET B 169 7.77 4.27 -8.22
N ARG B 170 8.55 4.87 -9.11
CA ARG B 170 8.09 5.25 -10.44
C ARG B 170 8.84 4.42 -11.47
N MET B 171 8.10 3.70 -12.30
CA MET B 171 8.67 2.78 -13.27
C MET B 171 8.23 3.15 -14.68
N LYS B 172 9.10 2.88 -15.65
CA LYS B 172 8.77 3.11 -17.05
C LYS B 172 7.57 2.27 -17.47
N CYS B 173 6.72 2.86 -18.30
CA CYS B 173 5.48 2.23 -18.73
C CYS B 173 5.27 2.55 -20.20
N THR B 174 5.11 1.52 -21.01
CA THR B 174 4.85 1.67 -22.44
C THR B 174 3.51 1.04 -22.82
N VAL B 175 2.54 1.18 -21.93
CA VAL B 175 1.15 0.88 -22.23
C VAL B 175 0.36 2.17 -22.06
N THR B 176 -0.80 2.22 -22.70
CA THR B 176 -1.61 3.43 -22.69
C THR B 176 -3.02 3.14 -22.18
N ASN B 177 -3.72 4.21 -21.84
CA ASN B 177 -4.97 4.12 -21.10
C ASN B 177 -5.98 3.21 -21.78
N ARG B 178 -6.16 3.38 -23.10
CA ARG B 178 -7.12 2.56 -23.83
C ARG B 178 -6.81 1.07 -23.68
N GLY B 179 -5.55 0.71 -23.55
CA GLY B 179 -5.19 -0.68 -23.41
C GLY B 179 -4.38 -1.15 -24.60
N ARG B 180 -3.70 -0.21 -25.25
CA ARG B 180 -2.88 -0.54 -26.40
C ARG B 180 -1.45 -0.07 -26.16
N THR B 181 -0.50 -0.90 -26.56
CA THR B 181 0.90 -0.76 -26.19
C THR B 181 1.61 0.20 -27.14
N VAL B 182 2.81 0.61 -26.72
CA VAL B 182 3.61 1.63 -27.39
C VAL B 182 5.09 1.28 -27.25
N ASN B 183 5.91 2.07 -27.91
CA ASN B 183 7.34 1.78 -27.97
C ASN B 183 8.06 2.49 -26.83
N LEU B 184 9.37 2.22 -26.71
CA LEU B 184 10.08 2.57 -25.49
C LEU B 184 10.46 4.05 -25.44
N LYS B 185 10.67 4.67 -26.60
CA LYS B 185 10.77 6.13 -26.64
C LYS B 185 9.51 6.76 -26.05
N SER B 186 8.36 6.11 -26.21
CA SER B 186 7.11 6.56 -25.60
C SER B 186 6.96 5.91 -24.22
N ALA B 187 7.72 6.45 -23.27
CA ALA B 187 7.84 5.89 -21.93
C ALA B 187 7.25 6.87 -20.94
N THR B 188 6.09 6.54 -20.38
CA THR B 188 5.53 7.35 -19.31
C THR B 188 5.96 6.78 -17.96
N TRP B 189 5.79 7.57 -16.92
CA TRP B 189 6.13 7.16 -15.56
C TRP B 189 4.85 6.68 -14.88
N LYS B 190 4.89 5.45 -14.34
CA LYS B 190 3.78 4.88 -13.58
C LYS B 190 4.23 4.60 -12.17
N VAL B 191 3.48 5.09 -11.20
CA VAL B 191 3.78 4.87 -9.79
C VAL B 191 3.30 3.47 -9.40
N LEU B 192 4.18 2.71 -8.76
CA LEU B 192 3.87 1.38 -8.24
C LEU B 192 4.00 1.39 -6.72
N HIS B 193 2.96 0.92 -6.05
CA HIS B 193 3.03 0.57 -4.64
C HIS B 193 3.72 -0.77 -4.52
N CYS B 194 4.86 -0.80 -3.87
CA CYS B 194 5.66 -2.01 -3.76
C CYS B 194 5.66 -2.46 -2.32
N THR B 195 5.17 -3.68 -2.08
CA THR B 195 5.14 -4.27 -0.75
C THR B 195 5.75 -5.66 -0.83
N GLY B 196 6.73 -5.92 0.03
CA GLY B 196 7.32 -7.24 0.03
C GLY B 196 8.28 -7.46 1.18
N GLN B 197 9.22 -8.37 0.94
CA GLN B 197 10.23 -8.77 1.92
C GLN B 197 11.61 -8.81 1.28
N VAL B 198 12.64 -8.41 2.02
CA VAL B 198 14.02 -8.67 1.65
C VAL B 198 14.50 -9.92 2.39
N ARG B 199 15.14 -10.82 1.65
CA ARG B 199 15.54 -12.13 2.13
C ARG B 199 17.05 -12.31 1.94
N VAL B 200 17.66 -13.08 2.83
CA VAL B 200 19.03 -13.55 2.63
C VAL B 200 18.95 -14.99 2.18
N TYR B 201 19.75 -15.34 1.17
CA TYR B 201 19.59 -16.68 0.60
C TYR B 201 20.90 -17.21 0.04
N ASN B 202 21.10 -18.52 0.23
CA ASN B 202 22.11 -19.31 -0.47
C ASN B 202 21.84 -20.80 -0.28
N PRO B 216 29.19 -16.57 1.48
CA PRO B 216 28.79 -15.56 0.50
C PRO B 216 27.28 -15.49 0.30
N LEU B 217 26.56 -15.14 1.36
CA LEU B 217 25.11 -15.05 1.28
C LEU B 217 24.68 -13.91 0.36
N LEU B 218 23.64 -14.14 -0.42
CA LEU B 218 23.09 -13.15 -1.31
C LEU B 218 21.95 -12.42 -0.61
N SER B 219 21.24 -11.55 -1.33
CA SER B 219 20.14 -10.82 -0.74
C SER B 219 19.15 -10.43 -1.84
N CYS B 220 17.87 -10.56 -1.54
CA CYS B 220 16.82 -10.39 -2.53
C CYS B 220 15.71 -9.52 -1.97
N LEU B 221 14.93 -8.95 -2.89
CA LEU B 221 13.76 -8.14 -2.59
C LEU B 221 12.63 -8.75 -3.41
N ILE B 222 11.73 -9.44 -2.72
CA ILE B 222 10.53 -10.01 -3.39
C ILE B 222 9.41 -9.02 -3.11
N ILE B 223 8.97 -8.31 -4.13
CA ILE B 223 7.95 -7.25 -3.93
C ILE B 223 6.76 -7.51 -4.83
N MET B 224 5.59 -7.08 -4.39
CA MET B 224 4.41 -7.14 -5.27
C MET B 224 4.20 -5.70 -5.66
N CYS B 225 4.12 -5.45 -6.95
CA CYS B 225 4.08 -4.05 -7.42
C CYS B 225 2.73 -3.74 -8.04
N GLU B 226 1.93 -2.90 -7.38
CA GLU B 226 0.58 -2.60 -7.81
C GLU B 226 0.50 -1.19 -8.38
N PRO B 227 -0.15 -1.00 -9.52
CA PRO B 227 -0.46 0.35 -9.96
C PRO B 227 -1.65 0.92 -9.19
N ILE B 228 -1.67 2.24 -9.10
CA ILE B 228 -2.76 2.98 -8.49
C ILE B 228 -3.68 3.50 -9.59
N GLN B 229 -4.92 3.02 -9.60
CA GLN B 229 -5.90 3.40 -10.64
C GLN B 229 -6.03 4.91 -10.76
N HIS B 230 -6.11 5.39 -11.99
CA HIS B 230 -6.29 6.82 -12.20
C HIS B 230 -7.76 7.18 -12.00
N PRO B 231 -8.06 8.19 -11.19
CA PRO B 231 -9.47 8.50 -10.87
C PRO B 231 -10.35 8.72 -12.09
N SER B 232 -9.76 9.24 -13.17
CA SER B 232 -10.50 9.46 -14.40
C SER B 232 -10.88 8.15 -15.09
N HIS B 233 -9.95 7.19 -15.12
CA HIS B 233 -10.08 5.97 -15.92
C HIS B 233 -9.99 4.76 -15.03
N MET B 234 -11.10 4.02 -14.90
CA MET B 234 -11.12 2.80 -14.08
C MET B 234 -12.29 1.92 -14.50
N ASP B 235 -12.00 0.68 -14.90
CA ASP B 235 -13.02 -0.29 -15.30
C ASP B 235 -13.37 -1.25 -14.17
N ILE B 236 -13.07 -0.88 -12.93
CA ILE B 236 -13.25 -1.76 -11.78
C ILE B 236 -14.55 -1.38 -11.07
N PRO B 237 -15.34 -2.35 -10.62
CA PRO B 237 -16.58 -2.03 -9.90
C PRO B 237 -16.35 -1.04 -8.75
N LEU B 238 -17.13 0.04 -8.73
CA LEU B 238 -17.04 1.02 -7.61
C LEU B 238 -18.07 0.60 -6.56
N ASP B 239 -17.70 0.65 -5.29
CA ASP B 239 -18.58 0.14 -4.21
C ASP B 239 -19.48 1.25 -3.68
N SER B 240 -20.42 0.91 -2.79
CA SER B 240 -21.26 1.93 -2.13
C SER B 240 -20.44 2.44 -0.98
N LYS B 241 -19.32 1.79 -0.71
CA LYS B 241 -18.47 2.17 0.45
C LYS B 241 -17.27 2.93 -0.05
N THR B 242 -17.26 3.25 -1.33
CA THR B 242 -16.16 4.06 -1.88
C THR B 242 -16.77 5.37 -2.37
N PHE B 243 -16.11 6.49 -2.09
CA PHE B 243 -16.60 7.77 -2.57
C PHE B 243 -15.40 8.64 -2.94
N LEU B 244 -15.62 9.54 -3.89
CA LEU B 244 -14.54 10.38 -4.39
C LEU B 244 -14.64 11.80 -3.84
N SER B 245 -13.46 12.39 -3.71
CA SER B 245 -13.36 13.77 -3.19
C SER B 245 -12.25 14.47 -3.97
N ARG B 246 -12.44 15.75 -4.22
CA ARG B 246 -11.42 16.55 -4.93
C ARG B 246 -10.91 17.57 -3.94
N HIS B 247 -9.62 17.85 -4.02
CA HIS B 247 -9.01 18.71 -3.00
C HIS B 247 -8.06 19.64 -3.70
N SER B 248 -7.71 20.73 -3.04
CA SER B 248 -6.72 21.65 -3.59
C SER B 248 -5.38 21.23 -3.04
N MET B 249 -4.33 21.92 -3.46
CA MET B 249 -2.98 21.61 -2.99
C MET B 249 -2.91 22.00 -1.52
N ASP B 250 -3.80 22.90 -1.09
CA ASP B 250 -3.87 23.28 0.35
C ASP B 250 -4.68 22.21 1.09
N MET B 251 -4.93 21.07 0.44
CA MET B 251 -5.66 19.93 1.07
C MET B 251 -7.10 20.33 1.46
N LYS B 252 -7.63 21.42 0.92
CA LYS B 252 -9.04 21.77 1.22
C LYS B 252 -9.96 21.11 0.21
N PHE B 253 -11.11 20.64 0.67
CA PHE B 253 -12.05 19.94 -0.23
C PHE B 253 -12.62 20.94 -1.23
N THR B 254 -12.63 20.56 -2.50
CA THR B 254 -13.18 21.43 -3.56
C THR B 254 -14.33 20.65 -4.17
N TYR B 255 -14.53 19.42 -3.71
CA TYR B 255 -15.66 18.59 -4.13
C TYR B 255 -15.62 17.31 -3.32
N CYS B 256 -16.79 16.71 -3.14
CA CYS B 256 -16.92 15.41 -2.49
C CYS B 256 -18.23 14.77 -2.92
N ASP B 257 -18.31 13.46 -2.73
CA ASP B 257 -19.43 12.67 -3.23
C ASP B 257 -20.68 12.88 -2.37
N ASP B 258 -21.83 12.47 -2.92
CA ASP B 258 -23.08 12.57 -2.18
C ASP B 258 -23.18 11.52 -1.08
N ARG B 259 -22.42 10.44 -1.26
CA ARG B 259 -22.50 9.28 -0.35
C ARG B 259 -21.85 9.58 0.99
N ILE B 260 -21.11 10.68 1.09
CA ILE B 260 -20.41 10.88 2.39
C ILE B 260 -21.47 10.96 3.48
N LEU B 261 -22.59 11.61 3.21
CA LEU B 261 -23.65 11.79 4.24
C LEU B 261 -24.12 10.42 4.70
N GLU B 262 -24.41 9.54 3.76
CA GLU B 262 -24.90 8.20 4.12
C GLU B 262 -23.83 7.45 4.91
N LEU B 263 -22.55 7.67 4.63
CA LEU B 263 -21.49 6.84 5.27
C LEU B 263 -20.86 7.51 6.50
N ILE B 264 -20.55 8.79 6.43
CA ILE B 264 -19.83 9.48 7.54
C ILE B 264 -20.77 10.51 8.16
N GLY B 265 -21.85 10.85 7.46
CA GLY B 265 -22.86 11.75 8.02
C GLY B 265 -22.75 13.20 7.61
N TYR B 266 -21.78 13.56 6.80
CA TYR B 266 -21.60 15.00 6.47
C TYR B 266 -22.14 15.35 5.09
N HIS B 267 -22.81 16.51 4.95
CA HIS B 267 -23.16 17.00 3.62
C HIS B 267 -21.92 17.59 2.95
N PRO B 268 -21.73 17.35 1.65
CA PRO B 268 -20.54 17.90 0.98
C PRO B 268 -20.39 19.41 1.13
N GLU B 269 -21.49 20.14 1.28
CA GLU B 269 -21.44 21.60 1.35
C GLU B 269 -20.61 22.07 2.54
N GLU B 270 -20.70 21.37 3.68
CA GLU B 270 -20.02 21.82 4.88
C GLU B 270 -18.56 21.39 4.95
N LEU B 271 -18.06 20.66 3.96
CA LEU B 271 -16.63 20.38 3.87
C LEU B 271 -15.91 21.26 2.86
N LEU B 272 -16.62 21.79 1.85
CA LEU B 272 -15.98 22.64 0.86
C LEU B 272 -15.35 23.85 1.55
N GLY B 273 -14.07 24.05 1.29
CA GLY B 273 -13.31 25.09 1.95
C GLY B 273 -12.64 24.66 3.24
N ARG B 274 -12.89 23.44 3.69
CA ARG B 274 -12.28 22.92 4.91
C ARG B 274 -11.11 22.01 4.54
N SER B 275 -9.95 22.28 5.12
CA SER B 275 -8.80 21.42 4.88
C SER B 275 -9.03 20.06 5.52
N ALA B 276 -8.47 19.03 4.88
CA ALA B 276 -8.65 17.67 5.38
C ALA B 276 -8.00 17.46 6.73
N TYR B 277 -7.12 18.36 7.18
CA TYR B 277 -6.52 18.23 8.50
C TYR B 277 -7.52 18.49 9.62
N GLU B 278 -8.60 19.21 9.33
CA GLU B 278 -9.64 19.45 10.33
C GLU B 278 -10.31 18.16 10.75
N PHE B 279 -10.41 17.19 9.85
CA PHE B 279 -11.18 15.98 10.09
C PHE B 279 -10.32 14.77 10.43
N TYR B 280 -9.00 14.86 10.31
CA TYR B 280 -8.12 13.76 10.69
C TYR B 280 -8.12 13.59 12.20
N HIS B 281 -8.27 12.37 12.67
CA HIS B 281 -8.00 12.09 14.07
C HIS B 281 -6.55 12.45 14.38
N ALA B 282 -6.35 13.13 15.53
CA ALA B 282 -5.06 13.73 15.83
C ALA B 282 -3.93 12.71 15.80
N LEU B 283 -4.21 11.44 16.06
CA LEU B 283 -3.16 10.42 16.05
C LEU B 283 -2.68 10.10 14.64
N ASP B 284 -3.42 10.48 13.60
CA ASP B 284 -3.14 10.05 12.25
C ASP B 284 -2.51 11.11 11.37
N SER B 285 -2.73 12.39 11.67
CA SER B 285 -2.51 13.43 10.66
C SER B 285 -1.05 13.58 10.25
N GLU B 286 -0.09 13.15 11.06
CA GLU B 286 1.30 13.25 10.60
C GLU B 286 1.65 12.13 9.61
N ASN B 287 1.09 10.95 9.83
CA ASN B 287 1.33 9.83 8.92
C ASN B 287 0.61 10.18 7.63
N MET B 288 -0.29 11.14 7.71
CA MET B 288 -1.09 11.53 6.54
C MET B 288 -0.39 12.69 5.83
N THR B 289 0.50 13.41 6.51
CA THR B 289 1.29 14.43 5.79
C THR B 289 2.37 13.71 5.01
N LYS B 290 2.91 12.66 5.58
CA LYS B 290 4.01 11.95 4.92
C LYS B 290 3.43 11.33 3.67
N SER B 291 2.21 10.82 3.76
CA SER B 291 1.64 10.28 2.53
C SER B 291 1.36 11.37 1.52
N HIS B 292 1.02 12.58 1.93
CA HIS B 292 0.82 13.70 0.97
C HIS B 292 2.16 14.17 0.38
N GLN B 293 3.21 14.16 1.19
CA GLN B 293 4.56 14.57 0.72
C GLN B 293 5.15 13.54 -0.25
N ASN B 294 4.52 12.40 -0.42
CA ASN B 294 5.00 11.35 -1.33
C ASN B 294 4.08 11.36 -2.54
N LEU B 295 2.84 11.78 -2.36
CA LEU B 295 1.91 11.91 -3.50
C LEU B 295 2.36 13.15 -4.27
N CYS B 296 2.87 14.15 -3.58
CA CYS B 296 3.28 15.29 -4.39
C CYS B 296 4.61 15.04 -5.07
N THR B 297 5.51 14.33 -4.38
CA THR B 297 6.80 13.99 -4.97
C THR B 297 6.62 13.03 -6.14
N LYS B 298 5.71 12.06 -6.02
CA LYS B 298 5.61 11.01 -7.01
C LYS B 298 4.33 11.03 -7.84
N GLY B 299 3.33 11.83 -7.48
CA GLY B 299 2.14 11.96 -8.31
C GLY B 299 1.01 11.02 -7.97
N GLN B 300 1.26 9.96 -7.22
CA GLN B 300 0.20 9.07 -6.78
C GLN B 300 0.61 8.47 -5.44
N VAL B 301 -0.37 8.02 -4.65
CA VAL B 301 -0.08 7.43 -3.34
C VAL B 301 -1.26 6.61 -2.87
N VAL B 302 -0.99 5.65 -1.99
CA VAL B 302 -2.01 4.94 -1.22
C VAL B 302 -1.81 5.28 0.24
N SER B 303 -2.84 5.74 0.91
CA SER B 303 -2.63 6.07 2.33
C SER B 303 -2.64 4.83 3.20
N GLY B 304 -2.28 5.01 4.46
CA GLY B 304 -2.49 3.90 5.39
C GLY B 304 -3.88 4.09 5.95
N GLN B 305 -4.32 3.15 6.76
CA GLN B 305 -5.65 3.24 7.39
C GLN B 305 -5.69 4.46 8.33
N TYR B 306 -6.72 5.28 8.17
CA TYR B 306 -6.85 6.52 8.98
C TYR B 306 -8.27 6.74 9.49
N ARG B 307 -8.41 7.63 10.46
CA ARG B 307 -9.72 7.90 11.06
C ARG B 307 -10.19 9.29 10.68
N MET B 308 -11.42 9.37 10.19
CA MET B 308 -12.08 10.65 9.93
C MET B 308 -13.20 10.83 10.95
N LEU B 309 -13.16 11.94 11.69
CA LEU B 309 -14.22 12.24 12.62
C LEU B 309 -15.55 12.35 11.87
N ALA B 310 -16.60 11.80 12.47
CA ALA B 310 -17.90 11.79 11.80
C ALA B 310 -18.72 13.03 12.16
N LYS B 311 -19.87 13.24 11.54
CA LYS B 311 -20.60 14.50 11.76
C LYS B 311 -21.04 14.67 13.21
N HIS B 312 -21.55 13.63 13.85
CA HIS B 312 -22.12 13.81 15.20
C HIS B 312 -21.49 12.81 16.15
N GLY B 313 -20.19 12.93 16.36
CA GLY B 313 -19.48 12.03 17.24
C GLY B 313 -18.91 10.86 16.50
N GLY B 314 -17.81 10.34 16.97
CA GLY B 314 -17.26 9.12 16.38
C GLY B 314 -16.24 9.34 15.30
N TYR B 315 -15.87 8.24 14.65
CA TYR B 315 -14.88 8.30 13.57
C TYR B 315 -15.12 7.12 12.63
N VAL B 316 -14.86 7.31 11.34
CA VAL B 316 -14.93 6.15 10.42
C VAL B 316 -13.52 5.85 9.93
N TRP B 317 -13.25 4.60 9.63
CA TRP B 317 -11.93 4.19 9.13
C TRP B 317 -11.91 4.32 7.62
N LEU B 318 -10.81 4.80 7.07
CA LEU B 318 -10.68 5.05 5.64
C LEU B 318 -9.31 4.62 5.13
N GLU B 319 -9.30 4.19 3.87
CA GLU B 319 -8.08 4.11 3.07
C GLU B 319 -8.32 4.91 1.80
N THR B 320 -7.31 5.66 1.36
CA THR B 320 -7.46 6.57 0.23
C THR B 320 -6.33 6.42 -0.77
N GLN B 321 -6.71 6.31 -2.04
CA GLN B 321 -5.78 6.40 -3.17
C GLN B 321 -5.80 7.84 -3.67
N GLY B 322 -4.67 8.54 -3.54
CA GLY B 322 -4.55 9.91 -3.99
C GLY B 322 -3.81 10.02 -5.30
N THR B 323 -4.21 11.00 -6.11
CA THR B 323 -3.64 11.23 -7.43
C THR B 323 -3.54 12.72 -7.69
N VAL B 324 -2.35 13.19 -8.08
CA VAL B 324 -2.17 14.57 -8.50
C VAL B 324 -2.72 14.73 -9.92
N ILE B 325 -3.63 15.69 -10.09
CA ILE B 325 -4.26 15.91 -11.39
C ILE B 325 -3.68 17.18 -12.00
N TYR B 326 -3.26 17.08 -13.26
CA TYR B 326 -2.62 18.18 -13.97
C TYR B 326 -3.59 18.75 -14.99
N ASN B 327 -3.86 20.04 -14.86
CA ASN B 327 -4.40 20.83 -15.95
C ASN B 327 -3.59 20.57 -17.21
N PRO B 328 -4.20 20.00 -18.25
CA PRO B 328 -3.46 19.56 -19.43
C PRO B 328 -3.21 20.65 -20.46
N ARG B 329 -3.75 21.85 -20.27
CA ARG B 329 -3.49 22.95 -21.18
C ARG B 329 -2.19 23.68 -20.82
N ASN B 330 -2.00 23.97 -19.54
CA ASN B 330 -0.80 24.64 -19.05
C ASN B 330 0.18 23.68 -18.38
N LEU B 331 -0.14 22.39 -18.32
CA LEU B 331 0.70 21.38 -17.68
C LEU B 331 0.95 21.73 -16.22
N GLN B 332 -0.13 21.99 -15.47
CA GLN B 332 0.12 22.48 -14.12
C GLN B 332 -0.67 21.69 -13.09
N PRO B 333 -0.20 21.61 -11.85
CA PRO B 333 -1.00 20.91 -10.82
C PRO B 333 -2.26 21.68 -10.50
N GLN B 334 -3.42 21.09 -10.82
CA GLN B 334 -4.69 21.76 -10.57
C GLN B 334 -5.35 21.30 -9.27
N CYS B 335 -5.46 20.00 -9.08
CA CYS B 335 -6.17 19.47 -7.90
C CYS B 335 -5.58 18.14 -7.47
N ILE B 336 -6.06 17.60 -6.36
CA ILE B 336 -5.68 16.25 -5.93
C ILE B 336 -6.98 15.49 -5.84
N MET B 337 -7.18 14.51 -6.71
CA MET B 337 -8.40 13.67 -6.65
C MET B 337 -8.15 12.52 -5.69
N CYS B 338 -9.08 12.27 -4.79
CA CYS B 338 -8.88 11.22 -3.78
C CYS B 338 -10.02 10.21 -3.84
N VAL B 339 -9.72 8.95 -4.11
CA VAL B 339 -10.75 7.87 -4.07
C VAL B 339 -10.74 7.32 -2.65
N ASN B 340 -11.79 7.55 -1.88
CA ASN B 340 -11.79 7.19 -0.44
C ASN B 340 -12.59 5.92 -0.16
N TYR B 341 -11.96 4.95 0.49
CA TYR B 341 -12.61 3.65 0.80
C TYR B 341 -13.01 3.56 2.26
N VAL B 342 -14.30 3.45 2.54
CA VAL B 342 -14.84 3.33 3.88
C VAL B 342 -14.67 1.89 4.35
N LEU B 343 -13.95 1.71 5.45
CA LEU B 343 -13.67 0.37 5.97
C LEU B 343 -14.50 0.01 7.18
N SER B 344 -15.10 1.01 7.80
CA SER B 344 -15.84 0.78 9.05
C SER B 344 -17.07 1.64 9.13
N GLU B 345 -17.90 1.37 10.14
CA GLU B 345 -19.07 2.22 10.41
C GLU B 345 -18.61 3.22 11.47
N ILE B 346 -19.49 4.11 11.91
CA ILE B 346 -18.99 5.09 12.89
C ILE B 346 -18.58 4.33 14.13
N GLU B 347 -17.38 4.59 14.63
CA GLU B 347 -16.87 3.90 15.82
C GLU B 347 -16.75 4.96 16.90
N LYS B 348 -17.15 4.64 18.14
CA LYS B 348 -17.11 5.60 19.26
C LYS B 348 -18.00 6.82 18.99
N ASN B 349 -19.20 6.61 18.47
CA ASN B 349 -20.14 7.72 18.24
C ASN B 349 -20.51 8.35 19.57
N ASP B 350 -20.37 7.58 20.65
CA ASP B 350 -20.63 8.10 22.01
C ASP B 350 -19.56 9.13 22.34
N VAL B 351 -18.39 9.05 21.70
CA VAL B 351 -17.27 9.95 22.06
C VAL B 351 -17.21 11.15 21.14
N VAL B 352 -17.12 12.34 21.71
CA VAL B 352 -16.97 13.55 20.94
C VAL B 352 -15.50 13.96 20.97
N PHE B 353 -14.90 14.11 19.80
CA PHE B 353 -13.50 14.48 19.70
C PHE B 353 -13.27 15.94 19.35
N SER B 354 -14.13 16.50 18.51
CA SER B 354 -13.86 17.78 17.87
C SER B 354 -14.93 18.80 18.24
N MET B 355 -14.58 20.08 18.09
CA MET B 355 -15.57 21.13 18.22
C MET B 355 -16.62 21.04 17.11
N ASP B 356 -16.22 20.56 15.92
CA ASP B 356 -17.16 20.52 14.80
C ASP B 356 -18.37 19.64 15.12
N GLN B 357 -18.16 18.54 15.84
CA GLN B 357 -19.23 17.59 16.13
C GLN B 357 -19.83 17.85 17.50
N THR B 358 -20.54 18.98 17.60
CA THR B 358 -21.25 19.32 18.84
C THR B 358 -22.59 20.00 18.56
N1 72Q C . -10.38 12.92 7.61
C16 72Q C . -10.50 12.90 6.50
C11 72Q C . -10.60 12.90 4.99
C12 72Q C . -9.62 13.51 4.29
C13 72Q C . -9.64 13.52 2.93
C14 72Q C . -10.70 12.95 2.25
C15 72Q C . -11.69 12.32 2.96
F3 72Q C . -12.72 11.74 2.31
C10 72Q C . -11.64 12.30 4.33
O4 72Q C . -8.63 14.19 2.28
C2 72Q C . -7.55 13.39 1.89
C3 72Q C . -7.48 12.03 2.17
C4 72Q C . -6.37 11.31 1.76
C8 72Q C . -6.51 14.02 1.21
C9 72Q C . -6.31 15.47 0.78
F2 72Q C . -5.69 16.17 1.76
C5 72Q C . -5.36 15.37 -0.37
F1 72Q C . -4.60 16.50 -0.36
C7 72Q C . -5.42 13.30 0.80
C6 72Q C . -4.47 14.27 0.09
O1 72Q C . -3.68 14.78 1.11
C1 72Q C . -5.35 11.94 1.08
S1 72Q C . -3.91 10.99 0.53
O2 72Q C . -3.64 11.21 -0.86
O3 72Q C . -4.25 9.59 0.46
C17 72Q C . -2.49 11.31 1.58
#